data_2MDU
#
_entry.id   2MDU
#
_entity_poly.entity_id   1
_entity_poly.type   'polypeptide(L)'
_entity_poly.pdbx_seq_one_letter_code
;RWFYFNRITGKRQFERPKGLVKGWEKRWD
;
_entity_poly.pdbx_strand_id   A
#
# COMPACT_ATOMS: atom_id res chain seq x y z
N ARG A 1 -5.55 -1.50 -12.16
CA ARG A 1 -6.08 -1.50 -10.77
C ARG A 1 -5.18 -0.69 -9.84
N TRP A 2 -5.76 -0.24 -8.72
CA TRP A 2 -5.03 0.55 -7.72
C TRP A 2 -4.30 -0.36 -6.73
N PHE A 3 -3.20 0.14 -6.17
CA PHE A 3 -2.45 -0.63 -5.17
C PHE A 3 -2.12 0.24 -3.98
N TYR A 4 -1.40 -0.31 -3.01
CA TYR A 4 -1.11 0.36 -1.80
C TYR A 4 0.36 0.25 -1.43
N PHE A 5 0.95 1.39 -1.10
CA PHE A 5 2.35 1.43 -0.73
C PHE A 5 2.52 1.97 0.68
N ASN A 6 3.22 1.22 1.51
CA ASN A 6 3.46 1.65 2.86
C ASN A 6 4.87 2.22 2.96
N ARG A 7 4.94 3.53 3.14
CA ARG A 7 6.20 4.25 3.21
C ARG A 7 6.98 3.94 4.49
N ILE A 8 6.27 3.50 5.53
CA ILE A 8 6.90 3.19 6.82
C ILE A 8 7.73 1.90 6.74
N THR A 9 7.14 0.84 6.19
CA THR A 9 7.83 -0.44 6.06
C THR A 9 8.40 -0.64 4.65
N GLY A 10 7.84 0.11 3.72
CA GLY A 10 8.25 0.05 2.34
C GLY A 10 7.60 -1.09 1.55
N LYS A 11 6.55 -1.69 2.11
CA LYS A 11 5.86 -2.79 1.47
C LYS A 11 4.64 -2.29 0.70
N ARG A 12 4.20 -3.08 -0.29
CA ARG A 12 3.10 -2.73 -1.14
C ARG A 12 2.61 -3.93 -1.96
N GLN A 13 1.31 -3.99 -2.22
CA GLN A 13 0.73 -5.08 -3.02
C GLN A 13 -0.51 -4.64 -3.74
N PHE A 14 -1.12 -5.61 -4.40
CA PHE A 14 -2.36 -5.40 -5.12
C PHE A 14 -3.54 -5.63 -4.19
N GLU A 15 -3.24 -6.18 -3.02
CA GLU A 15 -4.23 -6.44 -2.02
C GLU A 15 -4.37 -5.28 -1.09
N ARG A 16 -5.24 -5.50 -0.14
CA ARG A 16 -5.47 -4.58 0.94
C ARG A 16 -4.11 -4.21 1.52
N PRO A 17 -3.96 -3.02 2.13
CA PRO A 17 -2.69 -2.59 2.68
C PRO A 17 -2.01 -3.75 3.38
N LYS A 18 -0.70 -3.90 3.14
CA LYS A 18 0.07 -4.99 3.78
C LYS A 18 0.14 -4.74 5.28
N GLY A 19 -1.04 -4.61 5.86
CA GLY A 19 -1.21 -4.34 7.27
C GLY A 19 -2.43 -3.48 7.62
N LEU A 20 -3.22 -2.98 6.62
CA LEU A 20 -4.40 -2.15 6.95
C LEU A 20 -4.02 -1.03 7.93
N VAL A 21 -2.97 -0.31 7.56
CA VAL A 21 -2.44 0.78 8.35
C VAL A 21 -2.35 2.12 7.63
N LYS A 22 -1.66 3.00 8.32
CA LYS A 22 -1.36 4.34 7.86
C LYS A 22 -0.01 4.29 7.16
N GLY A 23 0.35 5.35 6.45
CA GLY A 23 1.63 5.32 5.69
C GLY A 23 1.37 4.84 4.27
N TRP A 24 0.41 3.92 4.17
CA TRP A 24 -0.03 3.32 2.93
C TRP A 24 -0.52 4.37 1.94
N GLU A 25 -0.17 4.20 0.66
CA GLU A 25 -0.58 5.14 -0.38
C GLU A 25 -1.20 4.40 -1.55
N LYS A 26 -2.43 4.80 -1.89
CA LYS A 26 -3.13 4.17 -3.01
C LYS A 26 -2.70 4.88 -4.31
N ARG A 27 -2.02 4.14 -5.17
CA ARG A 27 -1.53 4.69 -6.44
C ARG A 27 -1.96 3.85 -7.63
N TRP A 28 -1.70 4.41 -8.79
CA TRP A 28 -2.04 3.77 -10.06
C TRP A 28 -0.96 2.78 -10.49
N ASP A 29 -1.39 1.71 -11.18
CA ASP A 29 -0.45 0.70 -11.66
C ASP A 29 0.06 1.05 -13.06
N ARG A 1 -2.64 -0.65 -14.01
CA ARG A 1 -3.00 -1.26 -12.70
C ARG A 1 -2.93 -0.26 -11.57
N TRP A 2 -3.29 -0.73 -10.39
CA TRP A 2 -3.39 0.09 -9.23
C TRP A 2 -3.39 -0.75 -7.98
N PHE A 3 -3.05 -0.09 -6.90
CA PHE A 3 -2.86 -0.77 -5.61
C PHE A 3 -2.47 0.20 -4.50
N TYR A 4 -2.14 -0.34 -3.30
CA TYR A 4 -1.82 0.43 -2.15
C TYR A 4 -0.34 0.35 -1.81
N PHE A 5 0.23 1.47 -1.37
CA PHE A 5 1.67 1.53 -1.05
C PHE A 5 1.93 2.03 0.35
N ASN A 6 2.75 1.32 1.10
CA ASN A 6 3.11 1.74 2.43
C ASN A 6 4.52 2.33 2.39
N ARG A 7 4.61 3.63 2.63
CA ARG A 7 5.88 4.34 2.59
C ARG A 7 6.76 4.05 3.81
N ILE A 8 6.15 3.60 4.90
CA ILE A 8 6.87 3.31 6.14
C ILE A 8 7.69 2.03 6.00
N THR A 9 7.06 0.96 5.52
CA THR A 9 7.75 -0.33 5.34
C THR A 9 8.19 -0.54 3.89
N GLY A 10 7.55 0.19 3.00
CA GLY A 10 7.84 0.12 1.58
C GLY A 10 7.17 -1.07 0.89
N LYS A 11 6.16 -1.67 1.53
CA LYS A 11 5.43 -2.78 0.99
C LYS A 11 4.21 -2.28 0.25
N ARG A 12 3.59 -3.14 -0.57
CA ARG A 12 2.48 -2.73 -1.39
C ARG A 12 1.80 -3.89 -2.14
N GLN A 13 0.46 -3.87 -2.22
CA GLN A 13 -0.29 -4.88 -2.94
C GLN A 13 -1.70 -4.44 -3.25
N PHE A 14 -2.42 -5.38 -3.86
CA PHE A 14 -3.82 -5.20 -4.21
C PHE A 14 -4.69 -5.61 -3.02
N GLU A 15 -4.07 -6.32 -2.07
CA GLU A 15 -4.74 -6.79 -0.90
C GLU A 15 -4.79 -5.75 0.18
N ARG A 16 -5.31 -6.20 1.29
CA ARG A 16 -5.39 -5.42 2.49
C ARG A 16 -4.00 -4.85 2.75
N PRO A 17 -3.86 -3.68 3.40
CA PRO A 17 -2.55 -3.13 3.65
C PRO A 17 -1.69 -4.16 4.31
N LYS A 18 -0.43 -4.24 3.90
CA LYS A 18 0.52 -5.20 4.48
C LYS A 18 0.74 -4.83 5.95
N GLY A 19 -0.35 -4.89 6.68
CA GLY A 19 -0.39 -4.55 8.08
C GLY A 19 -1.60 -3.68 8.48
N LEU A 20 -2.53 -3.34 7.53
CA LEU A 20 -3.70 -2.51 7.88
C LEU A 20 -3.26 -1.30 8.69
N VAL A 21 -2.40 -0.50 8.09
CA VAL A 21 -1.83 0.69 8.73
C VAL A 21 -1.97 1.98 7.96
N LYS A 22 -1.24 2.94 8.49
CA LYS A 22 -1.12 4.28 7.94
C LYS A 22 0.14 4.31 7.09
N GLY A 23 0.39 5.40 6.37
CA GLY A 23 1.57 5.42 5.48
C GLY A 23 1.17 4.93 4.09
N TRP A 24 0.22 3.99 4.11
CA TRP A 24 -0.34 3.36 2.94
C TRP A 24 -0.98 4.39 1.99
N GLU A 25 -0.75 4.24 0.68
CA GLU A 25 -1.32 5.16 -0.31
C GLU A 25 -1.61 4.44 -1.62
N LYS A 26 -2.90 4.14 -1.85
CA LYS A 26 -3.31 3.44 -3.07
C LYS A 26 -3.03 4.33 -4.29
N ARG A 27 -2.20 3.79 -5.19
CA ARG A 27 -1.78 4.51 -6.41
C ARG A 27 -2.26 3.79 -7.66
N TRP A 28 -2.14 4.50 -8.78
CA TRP A 28 -2.51 3.99 -10.09
C TRP A 28 -1.27 3.65 -10.89
N ASP A 29 -0.35 3.03 -10.19
CA ASP A 29 0.95 2.57 -10.74
C ASP A 29 1.79 3.73 -11.29
N ARG A 1 -3.37 -0.57 -13.42
CA ARG A 1 -4.15 -1.03 -12.23
C ARG A 1 -3.86 -0.14 -11.00
N TRP A 2 -4.61 -0.37 -9.94
CA TRP A 2 -4.47 0.37 -8.69
C TRP A 2 -3.85 -0.50 -7.60
N PHE A 3 -3.28 0.13 -6.58
CA PHE A 3 -2.68 -0.59 -5.45
C PHE A 3 -2.22 0.35 -4.38
N TYR A 4 -1.94 -0.22 -3.21
CA TYR A 4 -1.62 0.54 -2.06
C TYR A 4 -0.15 0.45 -1.69
N PHE A 5 0.40 1.58 -1.24
CA PHE A 5 1.81 1.66 -0.87
C PHE A 5 2.01 2.13 0.55
N ASN A 6 2.83 1.40 1.30
CA ASN A 6 3.13 1.80 2.65
C ASN A 6 4.52 2.40 2.68
N ARG A 7 4.58 3.71 2.91
CA ARG A 7 5.84 4.45 2.94
C ARG A 7 6.69 4.11 4.17
N ILE A 8 6.05 3.58 5.20
CA ILE A 8 6.74 3.23 6.44
C ILE A 8 7.59 1.98 6.27
N THR A 9 7.00 0.93 5.72
CA THR A 9 7.71 -0.34 5.49
C THR A 9 8.20 -0.48 4.06
N GLY A 10 7.55 0.27 3.18
CA GLY A 10 7.89 0.28 1.77
C GLY A 10 7.23 -0.87 0.98
N LYS A 11 6.24 -1.54 1.57
CA LYS A 11 5.54 -2.62 0.93
C LYS A 11 4.31 -2.09 0.20
N ARG A 12 3.72 -2.93 -0.67
CA ARG A 12 2.60 -2.50 -1.46
C ARG A 12 1.95 -3.64 -2.27
N GLN A 13 0.62 -3.62 -2.38
CA GLN A 13 -0.11 -4.61 -3.16
C GLN A 13 -1.53 -4.16 -3.46
N PHE A 14 -2.22 -5.05 -4.14
CA PHE A 14 -3.61 -4.87 -4.49
C PHE A 14 -4.50 -5.36 -3.35
N GLU A 15 -3.90 -6.16 -2.47
CA GLU A 15 -4.58 -6.71 -1.34
C GLU A 15 -4.70 -5.73 -0.23
N ARG A 16 -5.23 -6.24 0.85
CA ARG A 16 -5.38 -5.51 2.08
C ARG A 16 -4.01 -4.94 2.43
N PRO A 17 -3.95 -3.82 3.14
CA PRO A 17 -2.68 -3.22 3.50
C PRO A 17 -1.75 -4.25 4.09
N LYS A 18 -0.50 -4.22 3.68
CA LYS A 18 0.50 -5.17 4.19
C LYS A 18 0.79 -4.83 5.65
N GLY A 19 -0.28 -4.82 6.42
CA GLY A 19 -0.24 -4.52 7.83
C GLY A 19 -1.49 -3.78 8.36
N LEU A 20 -2.47 -3.39 7.49
CA LEU A 20 -3.67 -2.68 7.98
C LEU A 20 -3.25 -1.48 8.83
N VAL A 21 -2.51 -0.59 8.19
CA VAL A 21 -1.96 0.59 8.85
C VAL A 21 -2.13 1.89 8.07
N LYS A 22 -1.42 2.85 8.60
CA LYS A 22 -1.32 4.20 8.07
C LYS A 22 -0.03 4.25 7.23
N GLY A 23 0.23 5.36 6.54
CA GLY A 23 1.43 5.39 5.68
C GLY A 23 1.07 4.91 4.28
N TRP A 24 0.13 3.97 4.25
CA TRP A 24 -0.40 3.36 3.06
C TRP A 24 -1.04 4.38 2.12
N GLU A 25 -0.77 4.27 0.81
CA GLU A 25 -1.35 5.21 -0.16
C GLU A 25 -1.56 4.51 -1.51
N LYS A 26 -2.81 4.42 -1.95
CA LYS A 26 -3.11 3.77 -3.22
C LYS A 26 -2.60 4.61 -4.40
N ARG A 27 -1.77 4.00 -5.25
CA ARG A 27 -1.18 4.67 -6.40
C ARG A 27 -1.49 3.91 -7.68
N TRP A 28 -1.10 4.51 -8.79
CA TRP A 28 -1.30 3.93 -10.12
C TRP A 28 -0.13 3.03 -10.51
N ASP A 29 -0.44 1.95 -11.23
CA ASP A 29 0.59 1.01 -11.69
C ASP A 29 0.35 0.56 -13.13
N ARG A 1 -3.05 -0.17 -13.46
CA ARG A 1 -3.78 -0.81 -12.32
C ARG A 1 -3.58 -0.02 -11.02
N TRP A 2 -4.54 -0.15 -10.12
CA TRP A 2 -4.48 0.54 -8.83
C TRP A 2 -3.92 -0.38 -7.76
N PHE A 3 -3.38 0.20 -6.69
CA PHE A 3 -2.80 -0.58 -5.59
C PHE A 3 -2.32 0.32 -4.48
N TYR A 4 -1.97 -0.30 -3.36
CA TYR A 4 -1.62 0.42 -2.17
C TYR A 4 -0.13 0.36 -1.85
N PHE A 5 0.40 1.48 -1.34
CA PHE A 5 1.80 1.59 -0.99
C PHE A 5 2.01 2.07 0.43
N ASN A 6 2.79 1.34 1.20
CA ASN A 6 3.08 1.74 2.55
C ASN A 6 4.48 2.36 2.57
N ARG A 7 4.54 3.64 2.89
CA ARG A 7 5.80 4.39 2.93
C ARG A 7 6.64 4.06 4.17
N ILE A 8 5.99 3.57 5.22
CA ILE A 8 6.68 3.25 6.47
C ILE A 8 7.54 1.98 6.30
N THR A 9 6.94 0.92 5.75
CA THR A 9 7.65 -0.34 5.55
C THR A 9 8.13 -0.50 4.11
N GLY A 10 7.50 0.24 3.22
CA GLY A 10 7.83 0.21 1.81
C GLY A 10 7.21 -0.97 1.08
N LYS A 11 6.19 -1.60 1.67
CA LYS A 11 5.52 -2.73 1.06
C LYS A 11 4.37 -2.24 0.18
N ARG A 12 3.83 -3.13 -0.65
CA ARG A 12 2.81 -2.75 -1.60
C ARG A 12 2.10 -3.93 -2.27
N GLN A 13 0.79 -3.81 -2.49
CA GLN A 13 0.01 -4.83 -3.15
C GLN A 13 -1.41 -4.37 -3.42
N PHE A 14 -2.17 -5.31 -3.95
CA PHE A 14 -3.58 -5.11 -4.25
C PHE A 14 -4.44 -5.61 -3.10
N GLU A 15 -3.80 -6.32 -2.17
CA GLU A 15 -4.47 -6.88 -1.03
C GLU A 15 -4.69 -5.87 0.05
N ARG A 16 -5.23 -6.37 1.12
CA ARG A 16 -5.45 -5.61 2.31
C ARG A 16 -4.10 -5.05 2.70
N PRO A 17 -4.02 -3.84 3.27
CA PRO A 17 -2.75 -3.24 3.64
C PRO A 17 -1.83 -4.24 4.27
N LYS A 18 -0.57 -4.26 3.82
CA LYS A 18 0.44 -5.19 4.36
C LYS A 18 0.71 -4.81 5.82
N GLY A 19 -0.37 -4.85 6.59
CA GLY A 19 -0.36 -4.50 7.99
C GLY A 19 -1.58 -3.70 8.44
N LEU A 20 -2.53 -3.33 7.54
CA LEU A 20 -3.71 -2.55 7.97
C LEU A 20 -3.27 -1.35 8.80
N VAL A 21 -2.46 -0.52 8.17
CA VAL A 21 -1.89 0.67 8.81
C VAL A 21 -2.04 1.97 8.04
N LYS A 22 -1.31 2.92 8.54
CA LYS A 22 -1.19 4.25 8.00
C LYS A 22 0.07 4.28 7.14
N GLY A 23 0.34 5.38 6.45
CA GLY A 23 1.53 5.40 5.55
C GLY A 23 1.14 4.91 4.17
N TRP A 24 0.18 3.99 4.17
CA TRP A 24 -0.38 3.36 2.99
C TRP A 24 -1.01 4.39 2.05
N GLU A 25 -0.77 4.26 0.73
CA GLU A 25 -1.35 5.20 -0.23
C GLU A 25 -1.58 4.52 -1.57
N LYS A 26 -2.85 4.38 -1.96
CA LYS A 26 -3.17 3.73 -3.22
C LYS A 26 -2.70 4.61 -4.39
N ARG A 27 -1.85 4.03 -5.26
CA ARG A 27 -1.29 4.75 -6.39
C ARG A 27 -1.60 4.03 -7.70
N TRP A 28 -1.23 4.66 -8.79
CA TRP A 28 -1.44 4.14 -10.13
C TRP A 28 -0.28 3.25 -10.57
N ASP A 29 -0.56 2.29 -11.43
CA ASP A 29 0.45 1.37 -11.94
C ASP A 29 0.51 1.40 -13.47
N ARG A 1 -3.70 -0.51 -13.25
CA ARG A 1 -4.46 -0.93 -12.04
C ARG A 1 -4.08 -0.08 -10.82
N TRP A 2 -4.79 -0.29 -9.73
CA TRP A 2 -4.56 0.44 -8.48
C TRP A 2 -3.86 -0.45 -7.45
N PHE A 3 -3.19 0.17 -6.48
CA PHE A 3 -2.51 -0.56 -5.40
C PHE A 3 -2.05 0.36 -4.32
N TYR A 4 -1.80 -0.22 -3.16
CA TYR A 4 -1.48 0.53 -1.99
C TYR A 4 -0.01 0.42 -1.60
N PHE A 5 0.56 1.55 -1.20
CA PHE A 5 1.95 1.62 -0.81
C PHE A 5 2.13 2.12 0.61
N ASN A 6 2.91 1.39 1.39
CA ASN A 6 3.19 1.80 2.75
C ASN A 6 4.58 2.39 2.81
N ARG A 7 4.65 3.71 2.82
CA ARG A 7 5.88 4.44 2.86
C ARG A 7 6.66 4.25 4.18
N ILE A 8 6.08 3.51 5.14
CA ILE A 8 6.76 3.27 6.42
C ILE A 8 7.68 2.05 6.31
N THR A 9 7.12 0.94 5.84
CA THR A 9 7.88 -0.30 5.66
C THR A 9 8.37 -0.48 4.23
N GLY A 10 7.66 0.18 3.32
CA GLY A 10 7.97 0.14 1.91
C GLY A 10 7.31 -1.02 1.17
N LYS A 11 6.29 -1.64 1.78
CA LYS A 11 5.57 -2.74 1.17
C LYS A 11 4.36 -2.22 0.41
N ARG A 12 3.83 -3.02 -0.51
CA ARG A 12 2.75 -2.60 -1.37
C ARG A 12 2.06 -3.76 -2.10
N GLN A 13 0.73 -3.67 -2.27
CA GLN A 13 -0.03 -4.66 -2.99
C GLN A 13 -1.41 -4.16 -3.40
N PHE A 14 -2.07 -4.99 -4.19
CA PHE A 14 -3.43 -4.73 -4.62
C PHE A 14 -4.38 -5.17 -3.51
N GLU A 15 -3.89 -6.11 -2.69
CA GLU A 15 -4.62 -6.64 -1.57
C GLU A 15 -4.72 -5.64 -0.46
N ARG A 16 -5.27 -6.15 0.61
CA ARG A 16 -5.41 -5.43 1.84
C ARG A 16 -4.04 -4.88 2.23
N PRO A 17 -3.98 -3.80 3.03
CA PRO A 17 -2.71 -3.23 3.43
C PRO A 17 -1.81 -4.28 4.01
N LYS A 18 -0.53 -4.24 3.67
CA LYS A 18 0.45 -5.20 4.18
C LYS A 18 0.71 -4.88 5.66
N GLY A 19 -0.39 -4.84 6.40
CA GLY A 19 -0.37 -4.54 7.82
C GLY A 19 -1.60 -3.79 8.33
N LEU A 20 -2.56 -3.39 7.45
CA LEU A 20 -3.76 -2.66 7.92
C LEU A 20 -3.35 -1.46 8.77
N VAL A 21 -2.60 -0.56 8.13
CA VAL A 21 -2.07 0.63 8.79
C VAL A 21 -2.21 1.92 8.01
N LYS A 22 -1.51 2.88 8.56
CA LYS A 22 -1.39 4.22 8.02
C LYS A 22 -0.09 4.27 7.21
N GLY A 23 0.20 5.38 6.55
CA GLY A 23 1.42 5.41 5.71
C GLY A 23 1.11 4.94 4.30
N TRP A 24 0.17 3.99 4.25
CA TRP A 24 -0.33 3.38 3.04
C TRP A 24 -0.94 4.41 2.08
N GLU A 25 -0.67 4.27 0.77
CA GLU A 25 -1.21 5.20 -0.23
C GLU A 25 -1.46 4.49 -1.55
N LYS A 26 -2.72 4.51 -2.01
CA LYS A 26 -3.07 3.83 -3.26
C LYS A 26 -2.61 4.67 -4.47
N ARG A 27 -1.85 4.02 -5.37
CA ARG A 27 -1.32 4.68 -6.57
C ARG A 27 -1.64 3.87 -7.81
N TRP A 28 -1.29 4.44 -8.95
CA TRP A 28 -1.53 3.83 -10.26
C TRP A 28 -0.35 2.94 -10.68
N ASP A 29 -0.66 1.82 -11.35
CA ASP A 29 0.37 0.90 -11.84
C ASP A 29 0.11 0.50 -13.30
N ARG A 1 -6.45 1.63 -12.01
CA ARG A 1 -5.31 1.04 -11.25
C ARG A 1 -5.11 1.77 -9.92
N TRP A 2 -4.97 0.98 -8.89
CA TRP A 2 -4.84 1.40 -7.52
C TRP A 2 -3.95 0.44 -6.69
N PHE A 3 -3.72 0.71 -5.40
CA PHE A 3 -2.97 -0.24 -4.51
C PHE A 3 -2.72 0.31 -3.13
N TYR A 4 -1.70 -0.19 -2.45
CA TYR A 4 -1.42 0.25 -1.13
C TYR A 4 0.06 0.15 -0.84
N PHE A 5 0.72 1.27 -1.02
CA PHE A 5 2.14 1.40 -0.77
C PHE A 5 2.35 2.00 0.59
N ASN A 6 3.07 1.30 1.44
CA ASN A 6 3.33 1.80 2.76
C ASN A 6 4.72 2.41 2.80
N ARG A 7 4.76 3.73 2.85
CA ARG A 7 6.00 4.48 2.87
C ARG A 7 6.83 4.19 4.13
N ILE A 8 6.18 3.65 5.15
CA ILE A 8 6.83 3.34 6.42
C ILE A 8 7.70 2.08 6.30
N THR A 9 7.12 1.01 5.76
CA THR A 9 7.83 -0.26 5.60
C THR A 9 8.37 -0.41 4.17
N GLY A 10 7.73 0.28 3.26
CA GLY A 10 8.12 0.28 1.86
C GLY A 10 7.47 -0.83 1.04
N LYS A 11 6.48 -1.53 1.60
CA LYS A 11 5.80 -2.61 0.92
C LYS A 11 4.52 -2.12 0.23
N ARG A 12 4.03 -2.90 -0.74
CA ARG A 12 2.88 -2.57 -1.51
C ARG A 12 2.33 -3.78 -2.28
N GLN A 13 1.01 -3.84 -2.39
CA GLN A 13 0.35 -4.90 -3.13
C GLN A 13 -0.96 -4.41 -3.69
N PHE A 14 -1.56 -5.26 -4.48
CA PHE A 14 -2.83 -5.02 -5.06
C PHE A 14 -3.90 -5.25 -4.02
N GLU A 15 -3.58 -6.15 -3.10
CA GLU A 15 -4.46 -6.47 -2.01
C GLU A 15 -4.48 -5.35 -1.00
N ARG A 16 -5.22 -5.63 0.02
CA ARG A 16 -5.36 -4.78 1.18
C ARG A 16 -3.97 -4.35 1.64
N PRO A 17 -3.86 -3.24 2.39
CA PRO A 17 -2.58 -2.75 2.87
C PRO A 17 -1.79 -3.88 3.49
N LYS A 18 -0.50 -3.94 3.19
CA LYS A 18 0.38 -4.99 3.76
C LYS A 18 0.60 -4.67 5.25
N GLY A 19 -0.52 -4.45 5.93
CA GLY A 19 -0.53 -4.12 7.33
C GLY A 19 -1.83 -3.44 7.83
N LEU A 20 -2.75 -3.01 6.92
CA LEU A 20 -4.00 -2.35 7.36
C LEU A 20 -3.69 -1.15 8.26
N VAL A 21 -2.92 -0.22 7.70
CA VAL A 21 -2.50 0.99 8.41
C VAL A 21 -2.50 2.24 7.58
N LYS A 22 -1.86 3.23 8.18
CA LYS A 22 -1.65 4.55 7.60
C LYS A 22 -0.30 4.51 6.88
N GLY A 23 0.06 5.58 6.15
CA GLY A 23 1.32 5.55 5.40
C GLY A 23 1.08 5.00 4.01
N TRP A 24 0.17 4.01 3.96
CA TRP A 24 -0.25 3.33 2.76
C TRP A 24 -0.83 4.29 1.71
N GLU A 25 -0.55 4.02 0.43
CA GLU A 25 -1.06 4.87 -0.67
C GLU A 25 -1.56 3.98 -1.82
N LYS A 26 -2.69 4.35 -2.43
CA LYS A 26 -3.27 3.52 -3.50
C LYS A 26 -2.77 3.96 -4.89
N ARG A 27 -2.14 2.99 -5.59
CA ARG A 27 -1.58 3.20 -6.92
C ARG A 27 -0.93 1.95 -7.45
N TRP A 28 -1.78 1.14 -8.00
CA TRP A 28 -1.47 -0.16 -8.66
C TRP A 28 -0.19 -0.12 -9.47
N ASP A 29 0.19 1.09 -9.79
CA ASP A 29 1.41 1.39 -10.56
C ASP A 29 1.56 0.43 -11.75
N ARG A 1 -2.99 -0.53 -13.42
CA ARG A 1 -3.77 -1.09 -12.26
C ARG A 1 -3.60 -0.23 -11.01
N TRP A 2 -4.46 -0.46 -10.03
CA TRP A 2 -4.41 0.29 -8.77
C TRP A 2 -3.82 -0.58 -7.66
N PHE A 3 -3.32 0.07 -6.60
CA PHE A 3 -2.75 -0.63 -5.45
C PHE A 3 -2.29 0.33 -4.39
N TYR A 4 -2.01 -0.22 -3.22
CA TYR A 4 -1.68 0.54 -2.06
C TYR A 4 -0.21 0.45 -1.69
N PHE A 5 0.35 1.58 -1.26
CA PHE A 5 1.76 1.66 -0.90
C PHE A 5 1.98 2.14 0.51
N ASN A 6 2.80 1.41 1.25
CA ASN A 6 3.13 1.81 2.60
C ASN A 6 4.52 2.42 2.61
N ARG A 7 4.57 3.72 2.87
CA ARG A 7 5.84 4.47 2.88
C ARG A 7 6.70 4.14 4.09
N ILE A 8 6.08 3.61 5.14
CA ILE A 8 6.78 3.27 6.38
C ILE A 8 7.64 2.01 6.20
N THR A 9 7.05 0.96 5.66
CA THR A 9 7.76 -0.31 5.44
C THR A 9 8.23 -0.44 3.99
N GLY A 10 7.58 0.30 3.11
CA GLY A 10 7.90 0.30 1.70
C GLY A 10 7.25 -0.86 0.93
N LYS A 11 6.25 -1.51 1.54
CA LYS A 11 5.55 -2.61 0.92
C LYS A 11 4.30 -2.10 0.21
N ARG A 12 3.70 -2.93 -0.64
CA ARG A 12 2.57 -2.53 -1.43
C ARG A 12 1.91 -3.68 -2.22
N GLN A 13 0.57 -3.65 -2.32
CA GLN A 13 -0.17 -4.64 -3.08
C GLN A 13 -1.58 -4.19 -3.38
N PHE A 14 -2.29 -5.09 -4.02
CA PHE A 14 -3.69 -4.89 -4.36
C PHE A 14 -4.56 -5.35 -3.21
N GLU A 15 -3.96 -6.13 -2.31
CA GLU A 15 -4.64 -6.66 -1.16
C GLU A 15 -4.72 -5.66 -0.05
N ARG A 16 -5.23 -6.16 1.04
CA ARG A 16 -5.33 -5.42 2.27
C ARG A 16 -3.95 -4.85 2.55
N PRO A 17 -3.84 -3.70 3.23
CA PRO A 17 -2.54 -3.13 3.50
C PRO A 17 -1.65 -4.17 4.15
N LYS A 18 -0.39 -4.21 3.72
CA LYS A 18 0.57 -5.19 4.29
C LYS A 18 0.77 -4.86 5.76
N GLY A 19 -0.33 -4.97 6.49
CA GLY A 19 -0.39 -4.69 7.90
C GLY A 19 -1.63 -3.87 8.32
N LEU A 20 -2.54 -3.51 7.38
CA LEU A 20 -3.74 -2.73 7.75
C LEU A 20 -3.34 -1.53 8.62
N VAL A 21 -2.49 -0.69 8.06
CA VAL A 21 -1.96 0.48 8.75
C VAL A 21 -2.11 1.79 8.01
N LYS A 22 -1.41 2.75 8.58
CA LYS A 22 -1.28 4.11 8.08
C LYS A 22 -0.01 4.18 7.25
N GLY A 23 0.24 5.29 6.56
CA GLY A 23 1.43 5.36 5.69
C GLY A 23 1.07 4.89 4.29
N TRP A 24 0.13 3.94 4.25
CA TRP A 24 -0.40 3.34 3.06
C TRP A 24 -1.05 4.36 2.14
N GLU A 25 -0.79 4.26 0.81
CA GLU A 25 -1.38 5.20 -0.16
C GLU A 25 -1.59 4.51 -1.50
N LYS A 26 -2.85 4.40 -1.92
CA LYS A 26 -3.15 3.74 -3.20
C LYS A 26 -2.64 4.61 -4.36
N ARG A 27 -1.80 4.00 -5.21
CA ARG A 27 -1.22 4.69 -6.36
C ARG A 27 -1.54 3.94 -7.65
N TRP A 28 -1.16 4.56 -8.75
CA TRP A 28 -1.37 4.01 -10.08
C TRP A 28 -0.22 3.08 -10.49
N ASP A 29 -0.55 2.09 -11.32
CA ASP A 29 0.44 1.12 -11.79
C ASP A 29 0.53 1.13 -13.32
N ARG A 1 -2.82 -0.97 -13.54
CA ARG A 1 -3.10 -1.67 -12.25
C ARG A 1 -3.13 -0.69 -11.08
N TRP A 2 -3.89 -1.04 -10.05
CA TRP A 2 -4.04 -0.22 -8.86
C TRP A 2 -3.47 -0.94 -7.64
N PHE A 3 -3.16 -0.19 -6.57
CA PHE A 3 -2.64 -0.79 -5.34
C PHE A 3 -2.23 0.24 -4.31
N TYR A 4 -2.00 -0.24 -3.08
CA TYR A 4 -1.71 0.59 -1.96
C TYR A 4 -0.24 0.51 -1.58
N PHE A 5 0.32 1.65 -1.21
CA PHE A 5 1.72 1.74 -0.86
C PHE A 5 1.95 2.20 0.57
N ASN A 6 2.78 1.45 1.30
CA ASN A 6 3.10 1.83 2.65
C ASN A 6 4.50 2.44 2.67
N ARG A 7 4.55 3.77 2.67
CA ARG A 7 5.76 4.52 2.66
C ARG A 7 6.60 4.32 3.95
N ILE A 8 6.09 3.56 4.92
CA ILE A 8 6.82 3.31 6.17
C ILE A 8 7.75 2.11 6.00
N THR A 9 7.19 0.99 5.54
CA THR A 9 7.97 -0.23 5.32
C THR A 9 8.39 -0.37 3.86
N GLY A 10 7.63 0.28 3.00
CA GLY A 10 7.89 0.26 1.57
C GLY A 10 7.20 -0.89 0.84
N LYS A 11 6.20 -1.51 1.48
CA LYS A 11 5.46 -2.60 0.88
C LYS A 11 4.19 -2.08 0.22
N ARG A 12 3.63 -2.86 -0.71
CA ARG A 12 2.49 -2.43 -1.47
C ARG A 12 1.79 -3.59 -2.20
N GLN A 13 0.45 -3.55 -2.28
CA GLN A 13 -0.32 -4.57 -2.98
C GLN A 13 -1.72 -4.11 -3.38
N PHE A 14 -2.36 -4.98 -4.15
CA PHE A 14 -3.73 -4.78 -4.59
C PHE A 14 -4.66 -5.20 -3.45
N GLU A 15 -4.14 -6.09 -2.59
CA GLU A 15 -4.86 -6.59 -1.44
C GLU A 15 -4.91 -5.59 -0.34
N ARG A 16 -5.43 -6.08 0.76
CA ARG A 16 -5.52 -5.35 2.00
C ARG A 16 -4.13 -4.79 2.32
N PRO A 17 -4.03 -3.73 3.13
CA PRO A 17 -2.74 -3.17 3.48
C PRO A 17 -1.81 -4.23 3.99
N LYS A 18 -0.56 -4.18 3.58
CA LYS A 18 0.44 -5.17 4.03
C LYS A 18 0.76 -4.89 5.50
N GLY A 19 -0.30 -4.86 6.30
CA GLY A 19 -0.20 -4.59 7.71
C GLY A 19 -1.42 -3.86 8.31
N LEU A 20 -2.42 -3.45 7.49
CA LEU A 20 -3.60 -2.75 8.04
C LEU A 20 -3.15 -1.57 8.90
N VAL A 21 -2.42 -0.66 8.25
CA VAL A 21 -1.86 0.52 8.91
C VAL A 21 -2.03 1.82 8.16
N LYS A 22 -1.29 2.77 8.69
CA LYS A 22 -1.19 4.12 8.16
C LYS A 22 0.07 4.19 7.31
N GLY A 23 0.31 5.29 6.62
CA GLY A 23 1.49 5.34 5.73
C GLY A 23 1.11 4.87 4.34
N TRP A 24 0.14 3.95 4.31
CA TRP A 24 -0.41 3.34 3.13
C TRP A 24 -1.07 4.38 2.22
N GLU A 25 -0.83 4.27 0.90
CA GLU A 25 -1.41 5.22 -0.07
C GLU A 25 -1.62 4.56 -1.42
N LYS A 26 -2.89 4.35 -1.79
CA LYS A 26 -3.21 3.74 -3.09
C LYS A 26 -2.63 4.58 -4.22
N ARG A 27 -1.90 3.93 -5.13
CA ARG A 27 -1.28 4.58 -6.27
C ARG A 27 -1.80 4.01 -7.58
N TRP A 28 -1.42 4.68 -8.65
CA TRP A 28 -1.79 4.28 -10.00
C TRP A 28 -0.57 3.73 -10.71
N ASP A 29 -0.49 2.40 -10.79
CA ASP A 29 0.64 1.74 -11.43
C ASP A 29 0.25 0.34 -11.94
N ARG A 1 0.24 0.70 -14.08
CA ARG A 1 -0.78 0.60 -13.01
C ARG A 1 -0.11 0.42 -11.64
N TRP A 2 -0.53 1.24 -10.67
CA TRP A 2 0.01 1.23 -9.34
C TRP A 2 -1.06 0.73 -8.28
N PHE A 3 -0.74 0.63 -6.93
CA PHE A 3 -1.62 0.05 -5.80
C PHE A 3 -1.30 0.69 -4.42
N TYR A 4 -1.85 0.16 -3.33
CA TYR A 4 -1.56 0.71 -2.02
C TYR A 4 -0.10 0.55 -1.65
N PHE A 5 0.55 1.69 -1.40
CA PHE A 5 1.96 1.71 -1.01
C PHE A 5 2.08 2.21 0.41
N ASN A 6 2.66 1.42 1.28
CA ASN A 6 2.81 1.81 2.66
C ASN A 6 4.24 2.28 2.87
N ARG A 7 4.46 3.56 2.57
CA ARG A 7 5.76 4.22 2.65
C ARG A 7 6.52 3.97 3.94
N ILE A 8 5.81 3.81 5.04
CA ILE A 8 6.44 3.59 6.35
C ILE A 8 7.17 2.25 6.38
N THR A 9 6.52 1.21 5.86
CA THR A 9 7.11 -0.12 5.82
C THR A 9 7.65 -0.48 4.44
N GLY A 10 7.25 0.33 3.47
CA GLY A 10 7.65 0.13 2.09
C GLY A 10 6.90 -1.01 1.42
N LYS A 11 5.82 -1.49 2.05
CA LYS A 11 5.01 -2.56 1.52
C LYS A 11 4.04 -2.03 0.48
N ARG A 12 3.46 -2.93 -0.30
CA ARG A 12 2.53 -2.56 -1.32
C ARG A 12 1.71 -3.77 -1.74
N GLN A 13 0.41 -3.57 -1.90
CA GLN A 13 -0.48 -4.66 -2.24
C GLN A 13 -1.58 -4.31 -3.20
N PHE A 14 -2.03 -5.34 -3.92
CA PHE A 14 -3.14 -5.24 -4.82
C PHE A 14 -4.42 -5.31 -3.99
N GLU A 15 -4.36 -6.11 -2.92
CA GLU A 15 -5.44 -6.26 -2.01
C GLU A 15 -5.30 -5.21 -0.94
N ARG A 16 -6.26 -5.21 -0.09
CA ARG A 16 -6.27 -4.33 1.03
C ARG A 16 -4.99 -4.59 1.81
N PRO A 17 -4.32 -3.53 2.31
CA PRO A 17 -3.05 -3.58 3.02
C PRO A 17 -2.55 -4.93 3.47
N LYS A 18 -1.22 -5.04 3.45
CA LYS A 18 -0.54 -6.25 3.91
C LYS A 18 -0.48 -6.26 5.44
N GLY A 19 -1.41 -5.51 6.03
CA GLY A 19 -1.54 -5.39 7.45
C GLY A 19 -0.70 -4.25 7.95
N LEU A 20 -0.64 -3.16 7.18
CA LEU A 20 0.21 -2.04 7.58
C LEU A 20 -0.24 -0.70 7.03
N VAL A 21 -1.06 0.02 7.79
CA VAL A 21 -1.54 1.31 7.39
C VAL A 21 -0.70 2.40 7.97
N LYS A 22 -1.22 3.57 7.83
CA LYS A 22 -0.54 4.78 8.19
C LYS A 22 0.76 4.76 7.44
N GLY A 23 0.61 5.26 6.25
CA GLY A 23 1.68 5.25 5.27
C GLY A 23 1.19 4.84 3.88
N TRP A 24 -0.03 4.24 3.77
CA TRP A 24 -0.54 3.80 2.48
C TRP A 24 -0.73 4.97 1.51
N GLU A 25 -0.40 4.73 0.24
CA GLU A 25 -0.56 5.72 -0.82
C GLU A 25 -1.11 5.02 -2.04
N LYS A 26 -2.42 5.18 -2.27
CA LYS A 26 -3.08 4.49 -3.36
C LYS A 26 -2.40 4.61 -4.66
N ARG A 27 -2.25 3.47 -5.23
CA ARG A 27 -1.87 3.40 -6.53
C ARG A 27 -3.09 2.61 -7.14
N TRP A 28 -3.12 2.40 -8.42
CA TRP A 28 -4.28 1.81 -9.13
C TRP A 28 -4.97 0.65 -8.44
N ASP A 29 -4.20 -0.16 -7.78
CA ASP A 29 -4.76 -1.32 -7.09
C ASP A 29 -4.48 -1.26 -5.59
N ARG A 1 -3.48 -0.53 -13.86
CA ARG A 1 -3.53 -1.17 -12.52
C ARG A 1 -3.29 -0.16 -11.41
N TRP A 2 -3.42 -0.65 -10.18
CA TRP A 2 -3.35 0.16 -9.01
C TRP A 2 -3.22 -0.69 -7.78
N PHE A 3 -2.77 -0.06 -6.73
CA PHE A 3 -2.48 -0.77 -5.48
C PHE A 3 -2.02 0.16 -4.40
N TYR A 4 -1.88 -0.37 -3.18
CA TYR A 4 -1.54 0.39 -2.02
C TYR A 4 -0.06 0.28 -1.65
N PHE A 5 0.50 1.39 -1.15
CA PHE A 5 1.91 1.44 -0.79
C PHE A 5 2.12 1.96 0.62
N ASN A 6 2.89 1.24 1.42
CA ASN A 6 3.17 1.68 2.76
C ASN A 6 4.58 2.27 2.82
N ARG A 7 4.66 3.59 2.83
CA ARG A 7 5.88 4.31 2.87
C ARG A 7 6.67 4.13 4.18
N ILE A 8 6.10 3.38 5.14
CA ILE A 8 6.77 3.15 6.42
C ILE A 8 7.69 1.92 6.32
N THR A 9 7.12 0.81 5.86
CA THR A 9 7.88 -0.44 5.70
C THR A 9 8.35 -0.63 4.26
N GLY A 10 7.64 0.03 3.35
CA GLY A 10 7.96 -0.03 1.94
C GLY A 10 7.27 -1.18 1.20
N LYS A 11 6.25 -1.79 1.83
CA LYS A 11 5.52 -2.88 1.24
C LYS A 11 4.32 -2.33 0.48
N ARG A 12 3.73 -3.16 -0.39
CA ARG A 12 2.63 -2.72 -1.21
C ARG A 12 1.96 -3.87 -2.01
N GLN A 13 0.62 -3.83 -2.12
CA GLN A 13 -0.11 -4.82 -2.90
C GLN A 13 -1.50 -4.33 -3.25
N PHE A 14 -2.20 -5.24 -3.91
CA PHE A 14 -3.59 -5.03 -4.31
C PHE A 14 -4.52 -5.42 -3.16
N GLU A 15 -3.95 -6.18 -2.21
CA GLU A 15 -4.68 -6.66 -1.06
C GLU A 15 -4.75 -5.63 0.03
N ARG A 16 -5.31 -6.09 1.11
CA ARG A 16 -5.42 -5.33 2.32
C ARG A 16 -4.03 -4.78 2.64
N PRO A 17 -3.91 -3.63 3.32
CA PRO A 17 -2.60 -3.09 3.62
C PRO A 17 -1.77 -4.14 4.30
N LYS A 18 -0.49 -4.24 3.92
CA LYS A 18 0.43 -5.22 4.53
C LYS A 18 0.62 -4.85 6.00
N GLY A 19 -0.51 -4.89 6.70
CA GLY A 19 -0.58 -4.56 8.10
C GLY A 19 -1.81 -3.73 8.49
N LEU A 20 -2.71 -3.38 7.53
CA LEU A 20 -3.91 -2.58 7.86
C LEU A 20 -3.52 -1.36 8.71
N VAL A 21 -2.69 -0.52 8.12
CA VAL A 21 -2.16 0.68 8.79
C VAL A 21 -2.26 1.96 7.99
N LYS A 22 -1.55 2.92 8.55
CA LYS A 22 -1.40 4.26 8.01
C LYS A 22 -0.10 4.27 7.21
N GLY A 23 0.21 5.37 6.52
CA GLY A 23 1.45 5.38 5.70
C GLY A 23 1.12 4.89 4.29
N TRP A 24 0.17 3.95 4.25
CA TRP A 24 -0.33 3.33 3.05
C TRP A 24 -0.91 4.36 2.08
N GLU A 25 -0.55 4.24 0.79
CA GLU A 25 -1.03 5.18 -0.24
C GLU A 25 -0.98 4.52 -1.62
N LYS A 26 -2.15 4.15 -2.15
CA LYS A 26 -2.21 3.49 -3.42
C LYS A 26 -1.92 4.44 -4.58
N ARG A 27 -1.44 3.85 -5.68
CA ARG A 27 -1.08 4.58 -6.88
C ARG A 27 -1.83 4.02 -8.07
N TRP A 28 -2.05 4.89 -9.02
CA TRP A 28 -2.72 4.53 -10.26
C TRP A 28 -1.68 4.33 -11.35
N ASP A 29 -1.46 3.06 -11.69
CA ASP A 29 -0.48 2.68 -12.71
C ASP A 29 -1.17 1.99 -13.89
N ARG A 1 -4.10 -0.31 -13.29
CA ARG A 1 -4.16 -1.09 -12.02
C ARG A 1 -4.05 -0.16 -10.81
N TRP A 2 -4.66 -0.58 -9.71
CA TRP A 2 -4.64 0.18 -8.47
C TRP A 2 -3.93 -0.62 -7.39
N PHE A 3 -3.45 0.06 -6.35
CA PHE A 3 -2.77 -0.61 -5.23
C PHE A 3 -2.30 0.38 -4.19
N TYR A 4 -1.78 -0.18 -3.12
CA TYR A 4 -1.39 0.54 -1.94
C TYR A 4 0.15 0.70 -1.80
N PHE A 5 0.61 1.61 -0.96
CA PHE A 5 2.05 1.77 -0.79
C PHE A 5 2.43 2.22 0.61
N ASN A 6 3.43 1.58 1.21
CA ASN A 6 3.85 1.95 2.54
C ASN A 6 5.16 2.71 2.44
N ARG A 7 5.19 3.87 3.06
CA ARG A 7 6.36 4.73 2.98
C ARG A 7 7.47 4.36 3.97
N ILE A 8 7.10 3.72 5.08
CA ILE A 8 8.08 3.35 6.11
C ILE A 8 8.77 2.02 5.77
N THR A 9 7.99 1.02 5.37
CA THR A 9 8.54 -0.29 5.05
C THR A 9 8.61 -0.54 3.55
N GLY A 10 7.88 0.26 2.81
CA GLY A 10 7.85 0.13 1.36
C GLY A 10 7.49 -1.29 0.92
N LYS A 11 6.58 -1.98 1.63
CA LYS A 11 6.26 -3.36 1.29
C LYS A 11 4.94 -3.55 0.53
N ARG A 12 4.73 -2.65 -0.42
CA ARG A 12 3.56 -2.65 -1.31
C ARG A 12 3.10 -4.09 -1.67
N GLN A 13 1.79 -4.25 -1.87
CA GLN A 13 1.15 -5.51 -2.22
C GLN A 13 -0.16 -5.24 -2.95
N PHE A 14 -1.00 -6.20 -2.91
CA PHE A 14 -2.31 -6.11 -3.47
C PHE A 14 -3.33 -6.59 -2.44
N GLU A 15 -2.84 -7.00 -1.25
CA GLU A 15 -3.69 -7.52 -0.22
C GLU A 15 -4.29 -6.47 0.67
N ARG A 16 -5.08 -6.99 1.59
CA ARG A 16 -5.81 -6.22 2.60
C ARG A 16 -5.00 -5.20 3.43
N PRO A 17 -3.76 -5.53 3.68
CA PRO A 17 -2.79 -4.76 4.37
C PRO A 17 -2.24 -3.80 3.42
N LYS A 18 -1.49 -2.91 3.94
CA LYS A 18 -0.97 -1.88 3.14
C LYS A 18 -2.13 -1.01 2.64
N GLY A 19 -3.25 -1.28 3.26
CA GLY A 19 -4.52 -0.64 3.08
C GLY A 19 -5.15 -0.58 4.44
N LEU A 20 -5.16 -1.74 5.14
CA LEU A 20 -5.64 -1.77 6.52
C LEU A 20 -4.44 -1.66 7.48
N VAL A 21 -3.46 -0.86 7.05
CA VAL A 21 -2.23 -0.59 7.75
C VAL A 21 -1.86 0.88 7.62
N LYS A 22 -0.94 1.25 8.47
CA LYS A 22 -0.42 2.62 8.56
C LYS A 22 0.81 2.81 7.67
N GLY A 23 1.02 4.05 7.23
CA GLY A 23 2.16 4.36 6.32
C GLY A 23 1.75 4.20 4.86
N TRP A 24 0.77 3.34 4.67
CA TRP A 24 0.23 2.96 3.39
C TRP A 24 -0.57 4.07 2.67
N GLU A 25 -0.46 4.10 1.33
CA GLU A 25 -1.19 5.08 0.50
C GLU A 25 -1.45 4.48 -0.89
N LYS A 26 -2.74 4.26 -1.22
CA LYS A 26 -3.09 3.66 -2.52
C LYS A 26 -2.72 4.61 -3.66
N ARG A 27 -1.97 4.09 -4.63
CA ARG A 27 -1.52 4.87 -5.79
C ARG A 27 -2.00 4.24 -7.09
N TRP A 28 -1.81 4.98 -8.17
CA TRP A 28 -2.21 4.55 -9.51
C TRP A 28 -1.08 3.77 -10.19
N ASP A 29 -1.45 2.72 -10.93
CA ASP A 29 -0.48 1.90 -11.65
C ASP A 29 -0.74 1.94 -13.15
N ARG A 1 -3.43 -0.08 -13.29
CA ARG A 1 -4.23 -0.57 -12.13
C ARG A 1 -3.85 0.16 -10.85
N TRP A 2 -4.65 -0.03 -9.81
CA TRP A 2 -4.43 0.62 -8.52
C TRP A 2 -3.86 -0.33 -7.48
N PHE A 3 -3.10 0.22 -6.54
CA PHE A 3 -2.52 -0.57 -5.45
C PHE A 3 -2.08 0.32 -4.32
N TYR A 4 -1.92 -0.28 -3.16
CA TYR A 4 -1.64 0.46 -1.97
C TYR A 4 -0.20 0.35 -1.52
N PHE A 5 0.39 1.52 -1.23
CA PHE A 5 1.77 1.60 -0.79
C PHE A 5 1.88 2.11 0.63
N ASN A 6 2.52 1.33 1.48
CA ASN A 6 2.69 1.74 2.86
C ASN A 6 4.10 2.26 3.06
N ARG A 7 4.24 3.57 2.90
CA ARG A 7 5.52 4.29 3.01
C ARG A 7 6.27 4.02 4.32
N ILE A 8 5.55 3.59 5.35
CA ILE A 8 6.17 3.33 6.65
C ILE A 8 7.11 2.15 6.58
N THR A 9 6.64 1.04 6.01
CA THR A 9 7.46 -0.17 5.88
C THR A 9 7.95 -0.38 4.45
N GLY A 10 7.24 0.22 3.52
CA GLY A 10 7.56 0.11 2.12
C GLY A 10 6.88 -1.06 1.43
N LYS A 11 5.84 -1.62 2.06
CA LYS A 11 5.11 -2.75 1.49
C LYS A 11 4.01 -2.23 0.57
N ARG A 12 3.58 -3.07 -0.38
CA ARG A 12 2.60 -2.66 -1.34
C ARG A 12 1.91 -3.83 -2.06
N GLN A 13 0.58 -3.76 -2.20
CA GLN A 13 -0.18 -4.77 -2.90
C GLN A 13 -1.48 -4.21 -3.46
N PHE A 14 -2.20 -5.11 -4.10
CA PHE A 14 -3.52 -4.81 -4.65
C PHE A 14 -4.56 -5.05 -3.56
N GLU A 15 -4.14 -5.77 -2.51
CA GLU A 15 -4.98 -6.08 -1.39
C GLU A 15 -4.81 -5.10 -0.28
N ARG A 16 -5.48 -5.44 0.79
CA ARG A 16 -5.44 -4.71 2.02
C ARG A 16 -4.03 -4.83 2.59
N PRO A 17 -3.61 -3.86 3.41
CA PRO A 17 -2.31 -3.79 4.03
C PRO A 17 -1.60 -5.11 4.19
N LYS A 18 -0.28 -5.06 4.04
CA LYS A 18 0.54 -6.24 4.28
C LYS A 18 0.91 -6.28 5.76
N GLY A 19 -0.02 -5.75 6.56
CA GLY A 19 0.11 -5.65 8.00
C GLY A 19 0.20 -4.21 8.46
N LEU A 20 -0.55 -3.29 7.81
CA LEU A 20 -0.48 -1.90 8.16
C LEU A 20 -1.86 -1.25 8.01
N VAL A 21 -1.87 0.09 7.93
CA VAL A 21 -3.12 0.89 7.83
C VAL A 21 -2.87 2.36 7.52
N LYS A 22 -1.87 2.88 8.21
CA LYS A 22 -1.45 4.27 8.05
C LYS A 22 -0.13 4.26 7.31
N GLY A 23 0.02 5.19 6.40
CA GLY A 23 1.22 5.21 5.57
C GLY A 23 0.86 4.83 4.14
N TRP A 24 -0.24 4.09 4.01
CA TRP A 24 -0.76 3.59 2.76
C TRP A 24 -1.11 4.71 1.78
N GLU A 25 -0.81 4.49 0.50
CA GLU A 25 -1.11 5.45 -0.55
C GLU A 25 -1.34 4.74 -1.86
N LYS A 26 -2.62 4.65 -2.28
CA LYS A 26 -2.95 3.95 -3.52
C LYS A 26 -2.44 4.74 -4.73
N ARG A 27 -1.65 4.07 -5.60
CA ARG A 27 -1.06 4.68 -6.78
C ARG A 27 -1.41 3.88 -8.03
N TRP A 28 -1.01 4.43 -9.17
CA TRP A 28 -1.26 3.81 -10.47
C TRP A 28 -0.16 2.80 -10.83
N ASP A 29 -0.54 1.79 -11.62
CA ASP A 29 0.40 0.75 -12.06
C ASP A 29 0.52 0.75 -13.58
N ARG A 1 -3.83 -0.74 -13.43
CA ARG A 1 -3.98 -1.21 -12.03
C ARG A 1 -3.64 -0.12 -11.05
N TRP A 2 -3.91 -0.42 -9.78
CA TRP A 2 -3.77 0.54 -8.73
C TRP A 2 -3.88 -0.15 -7.39
N PHE A 3 -2.85 0.08 -6.62
CA PHE A 3 -2.65 -0.58 -5.33
C PHE A 3 -2.17 0.36 -4.23
N TYR A 4 -1.95 -0.21 -3.02
CA TYR A 4 -1.59 0.54 -1.85
C TYR A 4 -0.11 0.44 -1.51
N PHE A 5 0.47 1.58 -1.12
CA PHE A 5 1.87 1.63 -0.70
C PHE A 5 1.95 2.07 0.75
N ASN A 6 2.47 1.20 1.62
CA ASN A 6 2.58 1.53 3.03
C ASN A 6 4.02 1.92 3.34
N ARG A 7 4.30 3.21 3.18
CA ARG A 7 5.63 3.79 3.41
C ARG A 7 6.29 3.32 4.70
N ILE A 8 5.47 3.00 5.70
CA ILE A 8 5.98 2.56 7.00
C ILE A 8 6.69 1.21 6.87
N THR A 9 6.06 0.28 6.15
CA THR A 9 6.62 -1.05 5.94
C THR A 9 7.26 -1.19 4.55
N GLY A 10 6.90 -0.27 3.68
CA GLY A 10 7.39 -0.26 2.31
C GLY A 10 6.78 -1.34 1.44
N LYS A 11 5.70 -1.97 1.91
CA LYS A 11 5.01 -3.01 1.17
C LYS A 11 3.95 -2.40 0.27
N ARG A 12 3.59 -3.11 -0.79
CA ARG A 12 2.63 -2.60 -1.73
C ARG A 12 1.91 -3.71 -2.48
N GLN A 13 0.57 -3.62 -2.54
CA GLN A 13 -0.24 -4.59 -3.24
C GLN A 13 -1.67 -4.15 -3.43
N PHE A 14 -2.38 -4.96 -4.20
CA PHE A 14 -3.80 -4.77 -4.46
C PHE A 14 -4.58 -5.34 -3.27
N GLU A 15 -3.93 -6.28 -2.55
CA GLU A 15 -4.50 -6.91 -1.40
C GLU A 15 -4.58 -5.99 -0.23
N ARG A 16 -5.03 -6.57 0.84
CA ARG A 16 -5.17 -5.94 2.11
C ARG A 16 -3.80 -5.50 2.61
N PRO A 17 -3.75 -4.43 3.42
CA PRO A 17 -2.53 -3.86 3.94
C PRO A 17 -1.44 -4.81 4.37
N LYS A 18 -0.31 -4.69 3.70
CA LYS A 18 0.91 -5.37 4.07
C LYS A 18 1.72 -4.34 4.86
N GLY A 19 0.98 -3.55 5.64
CA GLY A 19 1.51 -2.47 6.43
C GLY A 19 0.53 -1.97 7.50
N LEU A 20 -0.81 -2.06 7.22
CA LEU A 20 -1.85 -1.67 8.18
C LEU A 20 -2.13 -0.16 8.24
N VAL A 21 -3.10 0.22 7.41
CA VAL A 21 -3.73 1.56 7.30
C VAL A 21 -2.85 2.80 7.33
N LYS A 22 -1.98 2.86 8.28
CA LYS A 22 -1.09 4.01 8.43
C LYS A 22 0.15 3.80 7.60
N GLY A 23 0.41 4.75 6.72
CA GLY A 23 1.56 4.65 5.83
C GLY A 23 1.14 4.45 4.37
N TRP A 24 -0.11 4.05 4.15
CA TRP A 24 -0.64 3.74 2.83
C TRP A 24 -0.82 4.93 1.91
N GLU A 25 -0.55 4.67 0.63
CA GLU A 25 -0.72 5.63 -0.45
C GLU A 25 -0.97 4.86 -1.73
N LYS A 26 -2.24 4.57 -1.98
CA LYS A 26 -2.61 3.79 -3.16
C LYS A 26 -2.23 4.57 -4.43
N ARG A 27 -1.48 3.90 -5.33
CA ARG A 27 -1.01 4.54 -6.58
C ARG A 27 -1.60 3.87 -7.80
N TRP A 28 -1.54 4.62 -8.89
CA TRP A 28 -2.03 4.17 -10.20
C TRP A 28 -0.85 3.73 -11.05
N ASP A 29 -0.84 2.45 -11.41
CA ASP A 29 0.23 1.88 -12.21
C ASP A 29 -0.27 0.69 -13.05
N ARG A 1 -3.80 -1.69 -12.44
CA ARG A 1 -4.85 -1.78 -11.38
C ARG A 1 -4.36 -1.13 -10.08
N TRP A 2 -5.28 -0.46 -9.38
CA TRP A 2 -4.98 0.22 -8.13
C TRP A 2 -4.28 -0.70 -7.14
N PHE A 3 -3.53 -0.11 -6.21
CA PHE A 3 -2.81 -0.88 -5.19
C PHE A 3 -2.43 0.00 -4.01
N TYR A 4 -1.56 -0.50 -3.14
CA TYR A 4 -1.20 0.18 -1.92
C TYR A 4 0.30 0.34 -1.73
N PHE A 5 0.73 1.48 -1.18
CA PHE A 5 2.14 1.74 -0.93
C PHE A 5 2.43 2.06 0.53
N ASN A 6 3.31 1.31 1.16
CA ASN A 6 3.67 1.59 2.53
C ASN A 6 4.98 2.38 2.54
N ARG A 7 4.94 3.58 3.09
CA ARG A 7 6.11 4.46 3.12
C ARG A 7 7.13 4.05 4.17
N ILE A 8 6.68 3.38 5.23
CA ILE A 8 7.56 2.96 6.31
C ILE A 8 8.40 1.74 5.90
N THR A 9 7.74 0.71 5.37
CA THR A 9 8.44 -0.51 4.95
C THR A 9 8.67 -0.54 3.44
N GLY A 10 7.88 0.24 2.73
CA GLY A 10 7.99 0.31 1.29
C GLY A 10 7.60 -0.99 0.60
N LYS A 11 6.68 -1.78 1.19
CA LYS A 11 6.34 -3.06 0.62
C LYS A 11 4.95 -3.16 -0.01
N ARG A 12 4.61 -2.15 -0.81
CA ARG A 12 3.35 -2.11 -1.56
C ARG A 12 2.90 -3.52 -1.96
N GLN A 13 1.60 -3.81 -1.85
CA GLN A 13 1.07 -5.11 -2.24
C GLN A 13 -0.20 -4.96 -3.01
N PHE A 14 -0.62 -6.06 -3.61
CA PHE A 14 -1.89 -6.09 -4.30
C PHE A 14 -2.97 -6.46 -3.29
N GLU A 15 -2.52 -6.81 -2.07
CA GLU A 15 -3.38 -7.17 -0.98
C GLU A 15 -3.87 -5.93 -0.30
N ARG A 16 -4.39 -6.14 0.87
CA ARG A 16 -4.92 -5.13 1.74
C ARG A 16 -3.93 -4.74 2.89
N PRO A 17 -2.77 -4.14 2.55
CA PRO A 17 -1.75 -3.70 3.49
C PRO A 17 -2.02 -2.30 3.95
N LYS A 18 -2.31 -1.48 2.97
CA LYS A 18 -2.64 -0.11 3.15
C LYS A 18 -3.96 0.01 3.87
N GLY A 19 -4.67 -1.09 3.82
CA GLY A 19 -5.89 -1.25 4.55
C GLY A 19 -5.53 -1.84 5.88
N LEU A 20 -4.50 -2.72 5.87
CA LEU A 20 -4.03 -3.37 7.10
C LEU A 20 -3.36 -2.40 8.10
N VAL A 21 -2.50 -1.53 7.61
CA VAL A 21 -1.79 -0.58 8.46
C VAL A 21 -1.68 0.82 7.92
N LYS A 22 -0.98 1.59 8.72
CA LYS A 22 -0.68 2.99 8.48
C LYS A 22 0.63 3.11 7.70
N GLY A 23 0.91 4.30 7.18
CA GLY A 23 2.13 4.46 6.36
C GLY A 23 1.81 4.21 4.89
N TRP A 24 0.84 3.32 4.69
CA TRP A 24 0.35 2.90 3.41
C TRP A 24 -0.35 4.02 2.64
N GLU A 25 -0.31 3.96 1.29
CA GLU A 25 -0.95 4.98 0.46
C GLU A 25 -1.33 4.38 -0.91
N LYS A 26 -2.64 4.21 -1.14
CA LYS A 26 -3.11 3.64 -2.40
C LYS A 26 -2.66 4.53 -3.57
N ARG A 27 -2.11 3.89 -4.62
CA ARG A 27 -1.63 4.64 -5.79
C ARG A 27 -2.02 3.94 -7.10
N TRP A 28 -1.92 4.69 -8.17
CA TRP A 28 -2.26 4.23 -9.52
C TRP A 28 -1.15 3.33 -10.09
N ASP A 29 -1.54 2.41 -10.97
CA ASP A 29 -0.59 1.51 -11.63
C ASP A 29 -0.40 1.89 -13.10
N ARG A 1 -3.89 -0.49 -13.19
CA ARG A 1 -3.92 -1.27 -11.93
C ARG A 1 -3.87 -0.35 -10.71
N TRP A 2 -4.53 -0.80 -9.65
CA TRP A 2 -4.60 -0.06 -8.39
C TRP A 2 -3.88 -0.82 -7.28
N PHE A 3 -3.42 -0.09 -6.25
CA PHE A 3 -2.74 -0.72 -5.11
C PHE A 3 -2.27 0.30 -4.08
N TYR A 4 -1.77 -0.24 -2.97
CA TYR A 4 -1.37 0.48 -1.81
C TYR A 4 0.16 0.49 -1.65
N PHE A 5 0.68 1.38 -0.81
CA PHE A 5 2.12 1.47 -0.61
C PHE A 5 2.48 1.93 0.80
N ASN A 6 3.46 1.27 1.43
CA ASN A 6 3.85 1.67 2.77
C ASN A 6 5.18 2.39 2.68
N ARG A 7 5.22 3.61 3.18
CA ARG A 7 6.41 4.43 3.11
C ARG A 7 7.45 4.06 4.17
N ILE A 8 7.01 3.43 5.26
CA ILE A 8 7.90 3.05 6.35
C ILE A 8 8.65 1.75 6.05
N THR A 9 7.92 0.74 5.58
CA THR A 9 8.50 -0.57 5.26
C THR A 9 8.71 -0.75 3.77
N GLY A 10 7.99 0.04 2.99
CA GLY A 10 8.08 -0.03 1.54
C GLY A 10 7.66 -1.40 0.98
N LYS A 11 6.71 -2.11 1.64
CA LYS A 11 6.33 -3.43 1.18
C LYS A 11 4.90 -3.56 0.66
N ARG A 12 4.60 -2.81 -0.40
CA ARG A 12 3.32 -2.83 -1.08
C ARG A 12 2.77 -4.28 -1.10
N GLN A 13 1.48 -4.42 -0.82
CA GLN A 13 0.80 -5.70 -0.69
C GLN A 13 -0.58 -5.72 -1.32
N PHE A 14 -0.67 -6.13 -2.55
CA PHE A 14 -1.98 -6.16 -3.25
C PHE A 14 -3.10 -6.62 -2.32
N GLU A 15 -2.74 -7.40 -1.29
CA GLU A 15 -3.70 -7.83 -0.31
C GLU A 15 -4.34 -6.63 0.32
N ARG A 16 -5.17 -6.93 1.27
CA ARG A 16 -5.86 -5.95 2.06
C ARG A 16 -4.90 -4.83 2.52
N PRO A 17 -3.91 -5.26 3.28
CA PRO A 17 -2.84 -4.50 3.85
C PRO A 17 -1.98 -3.98 2.76
N LYS A 18 -1.32 -2.95 3.12
CA LYS A 18 -0.55 -2.13 2.29
C LYS A 18 -1.43 -0.91 1.99
N GLY A 19 -2.70 -1.08 2.35
CA GLY A 19 -3.71 -0.06 2.22
C GLY A 19 -4.54 0.06 3.50
N LEU A 20 -4.84 -1.07 4.19
CA LEU A 20 -5.62 -1.00 5.43
C LEU A 20 -4.71 -1.01 6.66
N VAL A 21 -3.62 -0.26 6.54
CA VAL A 21 -2.61 -0.11 7.54
C VAL A 21 -2.02 1.29 7.49
N LYS A 22 -1.22 1.56 8.48
CA LYS A 22 -0.54 2.86 8.64
C LYS A 22 0.70 2.93 7.75
N GLY A 23 1.05 4.15 7.34
CA GLY A 23 2.23 4.34 6.44
C GLY A 23 1.83 4.15 4.97
N TRP A 24 0.82 3.31 4.78
CA TRP A 24 0.29 2.93 3.50
C TRP A 24 -0.44 4.04 2.74
N GLU A 25 -0.35 4.01 1.39
CA GLU A 25 -1.02 5.01 0.55
C GLU A 25 -1.38 4.44 -0.82
N LYS A 26 -2.68 4.16 -1.04
CA LYS A 26 -3.14 3.61 -2.33
C LYS A 26 -2.80 4.60 -3.45
N ARG A 27 -2.16 4.07 -4.51
CA ARG A 27 -1.76 4.89 -5.66
C ARG A 27 -2.41 4.38 -6.93
N TRP A 28 -2.21 5.12 -7.99
CA TRP A 28 -2.77 4.79 -9.31
C TRP A 28 -1.67 4.50 -10.33
N ASP A 29 -1.73 3.31 -10.95
CA ASP A 29 -0.75 2.91 -11.94
C ASP A 29 -1.37 1.98 -12.99
N ARG A 1 -3.06 -0.72 -13.57
CA ARG A 1 -3.43 -1.43 -12.31
C ARG A 1 -3.40 -0.47 -11.12
N TRP A 2 -4.09 -0.85 -10.05
CA TRP A 2 -4.16 -0.06 -8.83
C TRP A 2 -3.56 -0.84 -7.66
N PHE A 3 -3.17 -0.13 -6.60
CA PHE A 3 -2.61 -0.77 -5.40
C PHE A 3 -2.18 0.24 -4.37
N TYR A 4 -1.94 -0.27 -3.15
CA TYR A 4 -1.64 0.54 -2.02
C TYR A 4 -0.17 0.45 -1.63
N PHE A 5 0.40 1.59 -1.26
CA PHE A 5 1.81 1.67 -0.89
C PHE A 5 2.02 2.15 0.53
N ASN A 6 2.82 1.41 1.29
CA ASN A 6 3.13 1.81 2.63
C ASN A 6 4.54 2.40 2.65
N ARG A 7 4.62 3.70 2.91
CA ARG A 7 5.89 4.41 2.93
C ARG A 7 6.74 4.07 4.16
N ILE A 8 6.08 3.56 5.21
CA ILE A 8 6.76 3.22 6.45
C ILE A 8 7.59 1.93 6.29
N THR A 9 6.97 0.89 5.75
CA THR A 9 7.65 -0.39 5.54
C THR A 9 8.14 -0.56 4.10
N GLY A 10 7.50 0.18 3.22
CA GLY A 10 7.83 0.17 1.81
C GLY A 10 7.18 -0.97 1.04
N LYS A 11 6.16 -1.62 1.63
CA LYS A 11 5.45 -2.71 1.00
C LYS A 11 4.20 -2.19 0.29
N ARG A 12 3.69 -2.94 -0.68
CA ARG A 12 2.57 -2.50 -1.47
C ARG A 12 1.89 -3.65 -2.24
N GLN A 13 0.56 -3.59 -2.39
CA GLN A 13 -0.19 -4.58 -3.15
C GLN A 13 -1.59 -4.13 -3.48
N PHE A 14 -2.27 -5.03 -4.16
CA PHE A 14 -3.66 -4.85 -4.55
C PHE A 14 -4.57 -5.29 -3.41
N GLU A 15 -3.99 -6.06 -2.48
CA GLU A 15 -4.69 -6.58 -1.36
C GLU A 15 -4.79 -5.59 -0.24
N ARG A 16 -5.34 -6.09 0.83
CA ARG A 16 -5.46 -5.37 2.07
C ARG A 16 -4.09 -4.82 2.41
N PRO A 17 -3.98 -3.72 3.16
CA PRO A 17 -2.70 -3.15 3.50
C PRO A 17 -1.77 -4.21 4.04
N LYS A 18 -0.52 -4.18 3.60
CA LYS A 18 0.48 -5.16 4.08
C LYS A 18 0.82 -4.84 5.53
N GLY A 19 -0.24 -4.79 6.33
CA GLY A 19 -0.15 -4.49 7.74
C GLY A 19 -1.38 -3.77 8.31
N LEU A 20 -2.39 -3.38 7.48
CA LEU A 20 -3.57 -2.69 8.03
C LEU A 20 -3.14 -1.48 8.86
N VAL A 21 -2.43 -0.57 8.21
CA VAL A 21 -1.88 0.62 8.85
C VAL A 21 -2.06 1.91 8.08
N LYS A 22 -1.35 2.88 8.60
CA LYS A 22 -1.26 4.22 8.07
C LYS A 22 0.03 4.29 7.24
N GLY A 23 0.28 5.39 6.55
CA GLY A 23 1.48 5.43 5.67
C GLY A 23 1.12 4.95 4.27
N TRP A 24 0.18 4.01 4.24
CA TRP A 24 -0.35 3.39 3.06
C TRP A 24 -0.98 4.41 2.11
N GLU A 25 -0.73 4.28 0.80
CA GLU A 25 -1.29 5.20 -0.19
C GLU A 25 -1.50 4.52 -1.53
N LYS A 26 -2.76 4.34 -1.93
CA LYS A 26 -3.07 3.67 -3.20
C LYS A 26 -2.58 4.52 -4.36
N ARG A 27 -1.83 3.90 -5.28
CA ARG A 27 -1.29 4.60 -6.45
C ARG A 27 -1.78 3.98 -7.74
N TRP A 28 -1.57 4.73 -8.81
CA TRP A 28 -1.94 4.30 -10.16
C TRP A 28 -0.72 3.74 -10.87
N ASP A 29 -0.67 2.42 -10.97
CA ASP A 29 0.45 1.74 -11.61
C ASP A 29 0.05 0.36 -12.12
N ARG A 1 -4.09 -0.10 -13.07
CA ARG A 1 -4.66 -0.79 -11.87
C ARG A 1 -4.34 -0.02 -10.59
N TRP A 2 -4.98 -0.45 -9.50
CA TRP A 2 -4.80 0.20 -8.21
C TRP A 2 -4.08 -0.70 -7.21
N PHE A 3 -3.42 -0.09 -6.24
CA PHE A 3 -2.70 -0.82 -5.19
C PHE A 3 -2.40 0.10 -4.02
N TYR A 4 -1.60 -0.38 -3.06
CA TYR A 4 -1.31 0.35 -1.86
C TYR A 4 0.18 0.33 -1.54
N PHE A 5 0.70 1.47 -1.14
CA PHE A 5 2.12 1.56 -0.80
C PHE A 5 2.32 2.06 0.61
N ASN A 6 3.06 1.30 1.40
CA ASN A 6 3.35 1.70 2.76
C ASN A 6 4.75 2.29 2.81
N ARG A 7 4.84 3.58 3.04
CA ARG A 7 6.12 4.29 3.09
C ARG A 7 6.94 3.97 4.34
N ILE A 8 6.25 3.53 5.41
CA ILE A 8 6.92 3.21 6.67
C ILE A 8 7.75 1.93 6.53
N THR A 9 7.15 0.87 6.01
CA THR A 9 7.83 -0.41 5.82
C THR A 9 8.35 -0.59 4.40
N GLY A 10 7.74 0.17 3.49
CA GLY A 10 8.10 0.13 2.09
C GLY A 10 7.47 -1.04 1.35
N LYS A 11 6.42 -1.64 1.93
CA LYS A 11 5.74 -2.76 1.33
C LYS A 11 4.56 -2.26 0.49
N ARG A 12 4.09 -3.09 -0.44
CA ARG A 12 3.04 -2.72 -1.34
C ARG A 12 2.48 -3.94 -2.10
N GLN A 13 1.17 -3.93 -2.36
CA GLN A 13 0.52 -5.02 -3.10
C GLN A 13 -0.82 -4.60 -3.66
N PHE A 14 -1.47 -5.58 -4.23
CA PHE A 14 -2.81 -5.39 -4.80
C PHE A 14 -3.87 -5.68 -3.77
N GLU A 15 -3.44 -6.21 -2.62
CA GLU A 15 -4.34 -6.53 -1.57
C GLU A 15 -4.49 -5.39 -0.60
N ARG A 16 -5.31 -5.65 0.36
CA ARG A 16 -5.56 -4.77 1.46
C ARG A 16 -4.20 -4.42 2.04
N PRO A 17 -3.98 -3.19 2.53
CA PRO A 17 -2.70 -2.77 3.03
C PRO A 17 -1.96 -3.89 3.73
N LYS A 18 -0.67 -4.02 3.43
CA LYS A 18 0.17 -5.07 4.04
C LYS A 18 0.29 -4.77 5.54
N GLY A 19 -0.88 -4.73 6.16
CA GLY A 19 -1.02 -4.44 7.57
C GLY A 19 -2.24 -3.56 7.91
N LEU A 20 -3.06 -3.09 6.92
CA LEU A 20 -4.22 -2.25 7.25
C LEU A 20 -3.81 -1.11 8.19
N VAL A 21 -2.79 -0.39 7.75
CA VAL A 21 -2.23 0.72 8.53
C VAL A 21 -2.21 2.04 7.81
N LYS A 22 -1.51 2.94 8.45
CA LYS A 22 -1.27 4.29 7.98
C LYS A 22 0.05 4.27 7.20
N GLY A 23 0.41 5.38 6.56
CA GLY A 23 1.65 5.36 5.74
C GLY A 23 1.32 4.90 4.33
N TRP A 24 0.38 3.96 4.25
CA TRP A 24 -0.12 3.39 3.02
C TRP A 24 -0.65 4.45 2.07
N GLU A 25 -0.40 4.29 0.77
CA GLU A 25 -0.87 5.26 -0.22
C GLU A 25 -1.29 4.56 -1.50
N LYS A 26 -2.60 4.53 -1.74
CA LYS A 26 -3.13 3.87 -2.94
C LYS A 26 -2.60 4.61 -4.17
N ARG A 27 -2.07 3.85 -5.14
CA ARG A 27 -1.52 4.46 -6.35
C ARG A 27 -1.92 3.70 -7.60
N TRP A 28 -1.69 4.36 -8.72
CA TRP A 28 -2.03 3.83 -10.04
C TRP A 28 -0.91 2.92 -10.58
N ASP A 29 -1.30 1.91 -11.36
CA ASP A 29 -0.35 0.98 -11.95
C ASP A 29 -0.37 1.07 -13.48
N ARG A 1 -3.50 -0.37 -13.72
CA ARG A 1 -3.70 -1.09 -12.44
C ARG A 1 -3.55 -0.15 -11.24
N TRP A 2 -4.31 -0.43 -10.19
CA TRP A 2 -4.29 0.36 -8.97
C TRP A 2 -3.72 -0.47 -7.83
N PHE A 3 -3.18 0.21 -6.81
CA PHE A 3 -2.62 -0.50 -5.65
C PHE A 3 -2.17 0.44 -4.58
N TYR A 4 -1.90 -0.14 -3.42
CA TYR A 4 -1.57 0.60 -2.25
C TYR A 4 -0.09 0.49 -1.88
N PHE A 5 0.46 1.61 -1.44
CA PHE A 5 1.88 1.69 -1.07
C PHE A 5 2.07 2.11 0.37
N ASN A 6 2.86 1.35 1.11
CA ASN A 6 3.16 1.70 2.48
C ASN A 6 4.53 2.37 2.53
N ARG A 7 4.52 3.68 2.73
CA ARG A 7 5.73 4.48 2.77
C ARG A 7 6.58 4.23 4.03
N ILE A 8 5.94 3.74 5.08
CA ILE A 8 6.63 3.47 6.34
C ILE A 8 7.60 2.30 6.20
N THR A 9 7.12 1.19 5.63
CA THR A 9 7.96 0.00 5.44
C THR A 9 8.45 -0.12 4.00
N GLY A 10 7.76 0.58 3.12
CA GLY A 10 8.10 0.57 1.71
C GLY A 10 7.49 -0.63 0.97
N LYS A 11 6.46 -1.26 1.57
CA LYS A 11 5.80 -2.39 0.97
C LYS A 11 4.60 -1.94 0.16
N ARG A 12 3.92 -2.89 -0.47
CA ARG A 12 2.80 -2.57 -1.32
C ARG A 12 1.92 -3.78 -1.62
N GLN A 13 0.59 -3.55 -1.62
CA GLN A 13 -0.36 -4.61 -1.87
C GLN A 13 -1.63 -4.17 -2.58
N PHE A 14 -2.23 -5.14 -3.26
CA PHE A 14 -3.50 -4.95 -3.93
C PHE A 14 -4.63 -5.22 -2.92
N GLU A 15 -4.35 -6.11 -1.95
CA GLU A 15 -5.28 -6.49 -0.92
C GLU A 15 -5.06 -5.71 0.35
N ARG A 16 -5.76 -6.15 1.37
CA ARG A 16 -5.67 -5.61 2.70
C ARG A 16 -4.21 -5.27 2.97
N PRO A 17 -3.88 -4.01 3.32
CA PRO A 17 -2.51 -3.58 3.52
C PRO A 17 -1.66 -4.61 4.21
N LYS A 18 -0.36 -4.59 3.91
CA LYS A 18 0.60 -5.52 4.52
C LYS A 18 0.69 -5.17 6.01
N GLY A 19 -0.47 -5.26 6.65
CA GLY A 19 -0.64 -4.95 8.04
C GLY A 19 -1.86 -4.06 8.34
N LEU A 20 -2.70 -3.71 7.31
CA LEU A 20 -3.88 -2.86 7.57
C LEU A 20 -3.49 -1.66 8.42
N VAL A 21 -2.53 -0.91 7.90
CA VAL A 21 -1.97 0.25 8.60
C VAL A 21 -2.10 1.57 7.86
N LYS A 22 -1.37 2.51 8.42
CA LYS A 22 -1.25 3.87 7.92
C LYS A 22 0.03 3.93 7.09
N GLY A 23 0.29 5.03 6.40
CA GLY A 23 1.47 5.08 5.54
C GLY A 23 1.11 4.62 4.13
N TRP A 24 0.13 3.71 4.10
CA TRP A 24 -0.41 3.11 2.90
C TRP A 24 -1.07 4.18 2.01
N GLU A 25 -0.77 4.16 0.70
CA GLU A 25 -1.35 5.14 -0.22
C GLU A 25 -1.54 4.51 -1.60
N LYS A 26 -2.79 4.46 -2.07
CA LYS A 26 -3.07 3.87 -3.38
C LYS A 26 -2.53 4.77 -4.50
N ARG A 27 -1.74 4.16 -5.39
CA ARG A 27 -1.15 4.89 -6.51
C ARG A 27 -1.46 4.18 -7.83
N TRP A 28 -1.12 4.85 -8.91
CA TRP A 28 -1.34 4.35 -10.27
C TRP A 28 -0.20 3.45 -10.73
N ASP A 29 -0.54 2.42 -11.51
CA ASP A 29 0.45 1.48 -12.04
C ASP A 29 0.46 1.52 -13.57
N ARG A 1 -3.65 -0.58 -13.44
CA ARG A 1 -4.46 -0.96 -12.25
C ARG A 1 -4.13 -0.07 -11.05
N TRP A 2 -4.90 -0.24 -9.98
CA TRP A 2 -4.72 0.54 -8.75
C TRP A 2 -3.95 -0.29 -7.72
N PHE A 3 -3.37 0.37 -6.72
CA PHE A 3 -2.61 -0.34 -5.67
C PHE A 3 -2.21 0.56 -4.53
N TYR A 4 -1.79 -0.08 -3.45
CA TYR A 4 -1.48 0.61 -2.23
C TYR A 4 0.00 0.51 -1.87
N PHE A 5 0.54 1.61 -1.33
CA PHE A 5 1.94 1.65 -0.95
C PHE A 5 2.14 2.12 0.47
N ASN A 6 2.90 1.37 1.24
CA ASN A 6 3.20 1.77 2.59
C ASN A 6 4.59 2.37 2.65
N ARG A 7 4.67 3.65 2.93
CA ARG A 7 5.93 4.39 2.98
C ARG A 7 6.75 4.08 4.23
N ILE A 8 6.07 3.62 5.29
CA ILE A 8 6.74 3.30 6.56
C ILE A 8 7.59 2.04 6.43
N THR A 9 7.00 0.98 5.89
CA THR A 9 7.72 -0.30 5.73
C THR A 9 8.22 -0.47 4.29
N GLY A 10 7.61 0.25 3.39
CA GLY A 10 7.97 0.20 1.98
C GLY A 10 7.35 -0.98 1.25
N LYS A 11 6.29 -1.56 1.82
CA LYS A 11 5.62 -2.70 1.22
C LYS A 11 4.43 -2.22 0.39
N ARG A 12 3.94 -3.06 -0.52
CA ARG A 12 2.88 -2.67 -1.41
C ARG A 12 2.18 -3.87 -2.08
N GLN A 13 0.88 -3.76 -2.32
CA GLN A 13 0.12 -4.78 -2.99
C GLN A 13 -1.25 -4.28 -3.44
N PHE A 14 -1.91 -5.15 -4.20
CA PHE A 14 -3.26 -4.90 -4.66
C PHE A 14 -4.22 -5.33 -3.56
N GLU A 15 -3.76 -6.24 -2.71
CA GLU A 15 -4.52 -6.74 -1.60
C GLU A 15 -4.66 -5.72 -0.52
N ARG A 16 -5.23 -6.19 0.55
CA ARG A 16 -5.41 -5.43 1.75
C ARG A 16 -4.04 -4.87 2.14
N PRO A 17 -3.99 -3.76 2.89
CA PRO A 17 -2.72 -3.18 3.31
C PRO A 17 -1.83 -4.24 3.92
N LYS A 18 -0.55 -4.21 3.57
CA LYS A 18 0.41 -5.18 4.12
C LYS A 18 0.63 -4.85 5.60
N GLY A 19 -0.48 -4.84 6.32
CA GLY A 19 -0.48 -4.54 7.73
C GLY A 19 -1.72 -3.75 8.21
N LEU A 20 -2.66 -3.35 7.31
CA LEU A 20 -3.85 -2.60 7.75
C LEU A 20 -3.41 -1.41 8.61
N VAL A 21 -2.59 -0.56 8.01
CA VAL A 21 -2.03 0.60 8.68
C VAL A 21 -2.14 1.90 7.92
N LYS A 22 -1.42 2.85 8.47
CA LYS A 22 -1.27 4.19 7.94
C LYS A 22 0.02 4.22 7.13
N GLY A 23 0.32 5.34 6.47
CA GLY A 23 1.54 5.35 5.61
C GLY A 23 1.19 4.88 4.21
N TRP A 24 0.23 3.96 4.16
CA TRP A 24 -0.29 3.37 2.96
C TRP A 24 -0.88 4.43 2.02
N GLU A 25 -0.58 4.34 0.71
CA GLU A 25 -1.10 5.31 -0.24
C GLU A 25 -1.31 4.68 -1.61
N LYS A 26 -2.55 4.64 -2.06
CA LYS A 26 -2.88 4.05 -3.36
C LYS A 26 -2.62 5.10 -4.46
N ARG A 27 -1.88 4.72 -5.52
CA ARG A 27 -1.55 5.68 -6.59
C ARG A 27 -1.85 5.18 -7.99
N TRP A 28 -1.25 4.09 -8.32
CA TRP A 28 -1.38 3.46 -9.64
C TRP A 28 -0.32 2.37 -9.87
N ASP A 29 -0.77 1.20 -10.34
CA ASP A 29 0.13 0.07 -10.65
C ASP A 29 -0.65 -1.07 -11.31
N ARG A 1 -8.29 2.71 -5.85
CA ARG A 1 -7.06 2.24 -6.54
C ARG A 1 -6.28 1.29 -5.66
N TRP A 2 -5.57 0.40 -6.33
CA TRP A 2 -4.87 -0.68 -5.69
C TRP A 2 -3.35 -0.94 -5.99
N PHE A 3 -2.59 -1.03 -4.90
CA PHE A 3 -1.14 -1.24 -4.90
C PHE A 3 -0.42 -0.77 -3.62
N TYR A 4 -1.10 0.12 -2.95
CA TYR A 4 -0.69 0.85 -1.73
C TYR A 4 0.73 0.56 -1.25
N PHE A 5 1.53 1.62 -1.33
CA PHE A 5 2.91 1.62 -0.89
C PHE A 5 2.94 2.08 0.56
N ASN A 6 3.50 1.27 1.45
CA ASN A 6 3.58 1.63 2.83
C ASN A 6 4.95 2.19 3.12
N ARG A 7 5.05 3.50 3.00
CA ARG A 7 6.30 4.25 3.20
C ARG A 7 6.97 3.96 4.54
N ILE A 8 6.18 3.52 5.52
CA ILE A 8 6.69 3.25 6.87
C ILE A 8 7.58 1.99 6.87
N THR A 9 7.09 0.91 6.27
CA THR A 9 7.84 -0.35 6.22
C THR A 9 8.53 -0.53 4.87
N GLY A 10 8.06 0.22 3.89
CA GLY A 10 8.60 0.17 2.55
C GLY A 10 7.96 -0.92 1.69
N LYS A 11 6.84 -1.49 2.18
CA LYS A 11 6.13 -2.52 1.47
C LYS A 11 5.05 -1.89 0.59
N ARG A 12 4.32 -2.73 -0.13
CA ARG A 12 3.30 -2.26 -1.02
C ARG A 12 2.45 -3.40 -1.52
N GLN A 13 1.18 -3.14 -1.87
CA GLN A 13 0.32 -4.20 -2.28
C GLN A 13 -0.78 -3.79 -3.21
N PHE A 14 -0.87 -4.48 -4.30
CA PHE A 14 -1.95 -4.25 -5.25
C PHE A 14 -3.25 -4.62 -4.54
N GLU A 15 -3.15 -5.51 -3.53
CA GLU A 15 -4.26 -5.91 -2.74
C GLU A 15 -4.44 -4.98 -1.58
N ARG A 16 -5.39 -5.34 -0.77
CA ARG A 16 -5.68 -4.62 0.44
C ARG A 16 -4.35 -4.46 1.19
N PRO A 17 -4.00 -3.25 1.68
CA PRO A 17 -2.72 -2.98 2.32
C PRO A 17 -2.18 -4.12 3.13
N LYS A 18 -0.85 -4.22 3.16
CA LYS A 18 -0.17 -5.25 3.95
C LYS A 18 -0.34 -4.92 5.44
N GLY A 19 -1.61 -4.75 5.81
CA GLY A 19 -1.98 -4.41 7.16
C GLY A 19 -3.18 -3.45 7.24
N LEU A 20 -3.77 -2.98 6.10
CA LEU A 20 -4.92 -2.06 6.17
C LEU A 20 -4.61 -0.89 7.11
N VAL A 21 -3.48 -0.25 6.85
CA VAL A 21 -2.99 0.88 7.65
C VAL A 21 -2.79 2.17 6.87
N LYS A 22 -2.14 3.06 7.57
CA LYS A 22 -1.75 4.37 7.08
C LYS A 22 -0.34 4.25 6.51
N GLY A 23 0.17 5.31 5.87
CA GLY A 23 1.50 5.21 5.23
C GLY A 23 1.37 4.69 3.82
N TRP A 24 0.36 3.84 3.63
CA TRP A 24 0.02 3.20 2.39
C TRP A 24 -0.44 4.20 1.32
N GLU A 25 0.07 4.05 0.09
CA GLU A 25 -0.30 4.91 -1.04
C GLU A 25 -0.25 4.11 -2.35
N LYS A 26 -1.41 3.64 -2.80
CA LYS A 26 -1.49 2.79 -3.99
C LYS A 26 -1.15 3.50 -5.28
N ARG A 27 -1.08 2.65 -6.30
CA ARG A 27 -0.84 3.04 -7.67
C ARG A 27 -1.95 2.43 -8.47
N TRP A 28 -2.15 2.95 -9.63
CA TRP A 28 -3.20 2.44 -10.50
C TRP A 28 -2.54 1.62 -11.59
N ASP A 29 -1.77 0.65 -11.07
CA ASP A 29 -1.00 -0.33 -11.88
C ASP A 29 -0.14 0.34 -12.97
N ARG A 1 -3.04 -0.65 -13.66
CA ARG A 1 -3.56 -1.30 -12.42
C ARG A 1 -3.51 -0.36 -11.22
N TRP A 2 -4.10 -0.82 -10.13
CA TRP A 2 -4.15 -0.04 -8.88
C TRP A 2 -3.44 -0.80 -7.76
N PHE A 3 -3.08 -0.08 -6.69
CA PHE A 3 -2.42 -0.71 -5.53
C PHE A 3 -2.03 0.28 -4.48
N TYR A 4 -1.84 -0.26 -3.28
CA TYR A 4 -1.59 0.52 -2.12
C TYR A 4 -0.15 0.40 -1.64
N PHE A 5 0.43 1.54 -1.26
CA PHE A 5 1.81 1.60 -0.79
C PHE A 5 1.90 2.04 0.66
N ASN A 6 2.54 1.24 1.50
CA ASN A 6 2.70 1.59 2.89
C ASN A 6 4.09 2.18 3.08
N ARG A 7 4.18 3.48 2.83
CA ARG A 7 5.43 4.25 2.92
C ARG A 7 6.18 4.07 4.24
N ILE A 8 5.48 3.66 5.29
CA ILE A 8 6.09 3.48 6.61
C ILE A 8 7.06 2.29 6.58
N THR A 9 6.61 1.16 6.04
CA THR A 9 7.45 -0.03 5.96
C THR A 9 7.95 -0.31 4.55
N GLY A 10 7.25 0.26 3.58
CA GLY A 10 7.60 0.11 2.19
C GLY A 10 6.90 -1.07 1.51
N LYS A 11 5.85 -1.62 2.16
CA LYS A 11 5.10 -2.74 1.61
C LYS A 11 4.03 -2.23 0.66
N ARG A 12 3.54 -3.12 -0.22
CA ARG A 12 2.59 -2.71 -1.22
C ARG A 12 1.91 -3.87 -1.95
N GLN A 13 0.59 -3.74 -2.19
CA GLN A 13 -0.16 -4.75 -2.92
C GLN A 13 -1.48 -4.20 -3.43
N PHE A 14 -2.18 -5.09 -4.10
CA PHE A 14 -3.51 -4.81 -4.62
C PHE A 14 -4.52 -4.95 -3.50
N GLU A 15 -4.10 -5.63 -2.43
CA GLU A 15 -4.93 -5.88 -1.30
C GLU A 15 -4.80 -4.85 -0.24
N ARG A 16 -5.52 -5.13 0.81
CA ARG A 16 -5.51 -4.36 2.01
C ARG A 16 -4.18 -4.57 2.68
N PRO A 17 -3.70 -3.59 3.44
CA PRO A 17 -2.43 -3.62 4.10
C PRO A 17 -1.81 -4.97 4.32
N LYS A 18 -0.51 -5.03 4.02
CA LYS A 18 0.27 -6.19 4.29
C LYS A 18 0.16 -6.45 5.79
N GLY A 19 -0.22 -5.38 6.48
CA GLY A 19 -0.44 -5.34 7.90
C GLY A 19 -0.04 -4.01 8.51
N LEU A 20 -0.29 -2.86 7.82
CA LEU A 20 0.12 -1.57 8.40
C LEU A 20 -0.75 -0.38 7.97
N VAL A 21 -2.06 -0.52 8.17
CA VAL A 21 -3.12 0.48 7.87
C VAL A 21 -2.74 1.97 7.69
N LYS A 22 -1.66 2.39 8.31
CA LYS A 22 -1.22 3.78 8.23
C LYS A 22 0.05 3.84 7.40
N GLY A 23 0.09 4.79 6.49
CA GLY A 23 1.23 4.91 5.58
C GLY A 23 0.83 4.58 4.15
N TRP A 24 -0.29 3.86 4.01
CA TRP A 24 -0.82 3.42 2.74
C TRP A 24 -1.18 4.58 1.81
N GLU A 25 -0.80 4.42 0.54
CA GLU A 25 -1.08 5.43 -0.49
C GLU A 25 -1.24 4.73 -1.84
N LYS A 26 -2.49 4.49 -2.22
CA LYS A 26 -2.78 3.80 -3.48
C LYS A 26 -2.17 4.61 -4.65
N ARG A 27 -1.51 3.91 -5.58
CA ARG A 27 -0.85 4.57 -6.72
C ARG A 27 -1.32 3.98 -8.05
N TRP A 28 -1.41 4.86 -9.04
CA TRP A 28 -1.82 4.47 -10.37
C TRP A 28 -0.70 3.69 -11.07
N ASP A 29 -1.03 2.49 -11.53
CA ASP A 29 -0.06 1.63 -12.21
C ASP A 29 -0.44 1.46 -13.69
N ARG A 1 -2.91 -0.31 -13.44
CA ARG A 1 -3.66 -0.92 -12.30
C ARG A 1 -3.49 -0.11 -11.02
N TRP A 2 -4.41 -0.29 -10.08
CA TRP A 2 -4.38 0.42 -8.82
C TRP A 2 -3.83 -0.47 -7.71
N PHE A 3 -3.32 0.14 -6.64
CA PHE A 3 -2.77 -0.60 -5.50
C PHE A 3 -2.31 0.34 -4.41
N TYR A 4 -2.02 -0.25 -3.25
CA TYR A 4 -1.71 0.50 -2.08
C TYR A 4 -0.22 0.43 -1.73
N PHE A 5 0.31 1.55 -1.26
CA PHE A 5 1.72 1.66 -0.91
C PHE A 5 1.93 2.12 0.51
N ASN A 6 2.74 1.39 1.26
CA ASN A 6 3.05 1.77 2.62
C ASN A 6 4.45 2.40 2.64
N ARG A 7 4.49 3.73 2.64
CA ARG A 7 5.70 4.48 2.65
C ARG A 7 6.52 4.30 3.94
N ILE A 8 6.01 3.55 4.91
CA ILE A 8 6.73 3.33 6.16
C ILE A 8 7.69 2.15 6.01
N THR A 9 7.17 1.01 5.52
CA THR A 9 7.97 -0.19 5.32
C THR A 9 8.40 -0.33 3.87
N GLY A 10 7.65 0.31 2.99
CA GLY A 10 7.92 0.28 1.57
C GLY A 10 7.25 -0.87 0.84
N LYS A 11 6.26 -1.50 1.47
CA LYS A 11 5.53 -2.61 0.88
C LYS A 11 4.33 -2.09 0.12
N ARG A 12 3.69 -2.96 -0.68
CA ARG A 12 2.59 -2.54 -1.51
C ARG A 12 1.94 -3.71 -2.29
N GLN A 13 0.60 -3.66 -2.43
CA GLN A 13 -0.13 -4.67 -3.16
C GLN A 13 -1.56 -4.22 -3.42
N PHE A 14 -2.31 -5.14 -3.98
CA PHE A 14 -3.73 -4.93 -4.27
C PHE A 14 -4.57 -5.43 -3.10
N GLU A 15 -3.93 -6.13 -2.16
CA GLU A 15 -4.59 -6.68 -1.02
C GLU A 15 -4.74 -5.69 0.10
N ARG A 16 -5.26 -6.21 1.17
CA ARG A 16 -5.41 -5.48 2.41
C ARG A 16 -4.04 -4.95 2.75
N PRO A 17 -3.89 -3.76 3.34
CA PRO A 17 -2.58 -3.21 3.64
C PRO A 17 -1.71 -4.27 4.27
N LYS A 18 -0.44 -4.31 3.85
CA LYS A 18 0.52 -5.28 4.40
C LYS A 18 0.74 -4.95 5.88
N GLY A 19 -0.37 -5.02 6.60
CA GLY A 19 -0.41 -4.72 8.00
C GLY A 19 -1.64 -3.88 8.42
N LEU A 20 -2.58 -3.53 7.48
CA LEU A 20 -3.77 -2.74 7.85
C LEU A 20 -3.36 -1.53 8.71
N VAL A 21 -2.55 -0.68 8.11
CA VAL A 21 -2.00 0.50 8.80
C VAL A 21 -2.14 1.80 8.05
N LYS A 22 -1.42 2.76 8.60
CA LYS A 22 -1.30 4.11 8.07
C LYS A 22 -0.03 4.16 7.25
N GLY A 23 0.24 5.26 6.55
CA GLY A 23 1.43 5.29 5.68
C GLY A 23 1.06 4.82 4.28
N TRP A 24 0.09 3.90 4.26
CA TRP A 24 -0.46 3.29 3.08
C TRP A 24 -1.13 4.32 2.16
N GLU A 25 -0.87 4.23 0.84
CA GLU A 25 -1.47 5.17 -0.12
C GLU A 25 -1.66 4.51 -1.47
N LYS A 26 -2.91 4.41 -1.94
CA LYS A 26 -3.18 3.77 -3.22
C LYS A 26 -2.62 4.63 -4.37
N ARG A 27 -1.79 4.01 -5.21
CA ARG A 27 -1.16 4.69 -6.34
C ARG A 27 -1.43 3.95 -7.64
N TRP A 28 -1.06 4.57 -8.73
CA TRP A 28 -1.23 4.03 -10.07
C TRP A 28 -0.09 3.08 -10.44
N ASP A 29 -0.40 2.11 -11.31
CA ASP A 29 0.60 1.13 -11.76
C ASP A 29 0.75 1.18 -13.29
#